data_5SYS
#
_entry.id   5SYS
#
_cell.length_a   41.813
_cell.length_b   63.857
_cell.length_c   75.625
_cell.angle_alpha   77.870
_cell.angle_beta   90.100
_cell.angle_gamma   89.830
#
_symmetry.space_group_name_H-M   'P 1'
#
loop_
_entity.id
_entity.type
_entity.pdbx_description
1 polymer 'Proto-oncogene tyrosine-protein kinase Src'
2 non-polymer N-[3-({6-[(2S)-2-cyano-3-(methylamino)-3-oxopropyl]-7-(2-methoxyethyl)-7H-pyrrolo[2,3-d]pyrimidin-5-yl}ethynyl)-4-methylphenyl]-3-(trifluoromethyl)benzamide
3 water water
#
_entity_poly.entity_id   1
_entity_poly.type   'polypeptide(L)'
_entity_poly.pdbx_seq_one_letter_code
;GHMQTQGLAKDAWEIPRESLRLEVKLGQGCFGECWMGTWNGTTRVAIKTLKPGTMSPEAFLQEAQVMKKLRHEKLVQLYA
VVSEEPIYIVTEYMSKGSLLDFLKGEMGKYLRLPQLVDMAAQIASGMAYVERMNYVHRDLRAANILVGENLVCKVADFGL
ARLIEDNEYTARQGAKFPIKWTAPEAALYGRFTIKSDVWSFGILLTELTTKGRVPYPGMVNREVLDQVERGYRMPCPPEC
PESLHDLMCQCWRKDPEERPTFEYLQAFLEDYFTSTEPQYQPGENL
;
_entity_poly.pdbx_strand_id   A,B
#
loop_
_chem_comp.id
_chem_comp.type
_chem_comp.name
_chem_comp.formula
72F non-polymer N-[3-({6-[(2S)-2-cyano-3-(methylamino)-3-oxopropyl]-7-(2-methoxyethyl)-7H-pyrrolo[2,3-d]pyrimidin-5-yl}ethynyl)-4-methylphenyl]-3-(trifluoromethyl)benzamide 'C31 H27 F3 N6 O3'
#
# COMPACT_ATOMS: atom_id res chain seq x y z
N ASP A 11 -22.93 -38.22 1.43
CA ASP A 11 -22.52 -37.15 2.40
C ASP A 11 -23.74 -36.30 2.80
N ALA A 12 -23.98 -36.17 4.11
CA ALA A 12 -25.13 -35.41 4.59
C ALA A 12 -24.95 -33.89 4.56
N TRP A 13 -23.71 -33.41 4.43
CA TRP A 13 -23.45 -31.98 4.17
C TRP A 13 -23.98 -31.55 2.79
N GLU A 14 -23.95 -32.45 1.80
CA GLU A 14 -24.32 -32.17 0.39
C GLU A 14 -25.58 -31.34 0.16
N ILE A 15 -25.62 -30.69 -1.02
CA ILE A 15 -26.71 -29.78 -1.40
C ILE A 15 -27.05 -29.90 -2.90
N PRO A 16 -28.35 -29.79 -3.24
CA PRO A 16 -28.74 -29.66 -4.66
C PRO A 16 -28.42 -28.28 -5.21
N ARG A 17 -27.84 -28.25 -6.42
CA ARG A 17 -27.33 -27.03 -7.05
C ARG A 17 -28.34 -25.87 -7.17
N GLU A 18 -29.63 -26.21 -7.28
CA GLU A 18 -30.67 -25.19 -7.45
C GLU A 18 -30.92 -24.30 -6.21
N SER A 19 -30.29 -24.61 -5.07
CA SER A 19 -30.48 -23.81 -3.84
C SER A 19 -29.59 -22.54 -3.70
N LEU A 20 -28.64 -22.33 -4.61
CA LEU A 20 -27.61 -21.27 -4.52
C LEU A 20 -27.70 -20.18 -5.59
N ARG A 21 -28.09 -18.96 -5.21
CA ARG A 21 -27.84 -17.77 -6.05
C ARG A 21 -26.44 -17.25 -5.72
N LEU A 22 -25.57 -17.22 -6.73
CA LEU A 22 -24.27 -16.55 -6.62
C LEU A 22 -24.48 -15.10 -7.08
N GLU A 23 -24.91 -14.25 -6.14
CA GLU A 23 -25.25 -12.85 -6.44
C GLU A 23 -24.06 -12.02 -7.01
N VAL A 24 -23.10 -11.64 -6.15
CA VAL A 24 -21.97 -10.75 -6.53
C VAL A 24 -20.63 -11.48 -6.38
N LYS A 25 -19.66 -11.12 -7.23
CA LYS A 25 -18.30 -11.68 -7.16
C LYS A 25 -17.41 -10.86 -6.21
N LEU A 26 -16.37 -11.50 -5.66
CA LEU A 26 -15.56 -10.90 -4.59
C LEU A 26 -14.05 -10.98 -4.81
N GLY A 27 -13.56 -12.19 -5.12
CA GLY A 27 -12.13 -12.40 -5.43
C GLY A 27 -11.91 -13.56 -6.39
N GLN A 28 -11.05 -13.34 -7.40
CA GLN A 28 -10.72 -14.34 -8.42
C GLN A 28 -9.42 -15.08 -8.04
N GLY A 29 -8.76 -15.72 -9.01
CA GLY A 29 -7.39 -16.27 -8.81
C GLY A 29 -7.07 -17.54 -9.58
N CYS A 30 -5.83 -18.00 -9.46
CA CYS A 30 -5.41 -19.29 -10.02
C CYS A 30 -6.01 -20.51 -9.28
N PHE A 31 -6.56 -20.30 -8.07
CA PHE A 31 -7.25 -21.36 -7.28
C PHE A 31 -8.75 -21.52 -7.62
N GLY A 32 -9.34 -20.56 -8.34
CA GLY A 32 -10.81 -20.50 -8.55
C GLY A 32 -11.32 -19.09 -8.29
N GLU A 33 -12.39 -18.98 -7.49
CA GLU A 33 -13.03 -17.68 -7.16
C GLU A 33 -14.05 -17.84 -6.01
N CYS A 34 -14.40 -16.73 -5.32
CA CYS A 34 -15.42 -16.76 -4.26
C CYS A 34 -16.48 -15.64 -4.40
N TRP A 35 -17.72 -15.93 -3.99
CA TRP A 35 -18.88 -15.07 -4.23
C TRP A 35 -19.73 -14.84 -2.99
N MET A 36 -20.35 -13.66 -2.92
CA MET A 36 -21.43 -13.33 -1.96
C MET A 36 -22.73 -13.84 -2.57
N GLY A 37 -23.59 -14.45 -1.76
CA GLY A 37 -24.78 -15.08 -2.29
C GLY A 37 -25.85 -15.48 -1.31
N THR A 38 -26.92 -16.04 -1.87
CA THR A 38 -28.12 -16.41 -1.13
C THR A 38 -28.37 -17.90 -1.34
N TRP A 39 -28.30 -18.67 -0.25
CA TRP A 39 -28.66 -20.09 -0.26
C TRP A 39 -30.05 -20.24 0.32
N ASN A 40 -30.85 -21.13 -0.28
CA ASN A 40 -32.14 -21.54 0.28
C ASN A 40 -33.17 -20.38 0.34
N GLY A 41 -32.99 -19.36 -0.52
CA GLY A 41 -33.81 -18.15 -0.47
C GLY A 41 -33.55 -17.29 0.74
N THR A 42 -33.84 -17.85 1.92
CA THR A 42 -33.69 -17.16 3.21
C THR A 42 -32.26 -16.70 3.55
N THR A 43 -31.36 -17.64 3.81
CA THR A 43 -30.06 -17.36 4.44
C THR A 43 -28.92 -16.93 3.48
N ARG A 44 -28.31 -15.77 3.77
CA ARG A 44 -27.17 -15.21 3.01
C ARG A 44 -25.87 -15.94 3.35
N VAL A 45 -25.03 -16.18 2.34
CA VAL A 45 -23.85 -17.04 2.48
C VAL A 45 -22.67 -16.62 1.60
N ALA A 46 -21.51 -17.14 1.96
CA ALA A 46 -20.29 -17.04 1.16
C ALA A 46 -20.01 -18.39 0.51
N ILE A 47 -19.49 -18.35 -0.71
CA ILE A 47 -19.28 -19.52 -1.57
C ILE A 47 -17.91 -19.45 -2.23
N LYS A 48 -17.19 -20.58 -2.25
CA LYS A 48 -15.85 -20.68 -2.85
C LYS A 48 -15.90 -21.72 -3.97
N THR A 49 -15.53 -21.32 -5.19
CA THR A 49 -15.54 -22.20 -6.37
C THR A 49 -14.16 -22.80 -6.66
N LEU A 50 -14.12 -23.67 -7.66
CA LEU A 50 -12.90 -24.30 -8.14
C LEU A 50 -12.83 -24.21 -9.67
N LYS A 51 -11.75 -23.63 -10.18
CA LYS A 51 -11.44 -23.66 -11.61
C LYS A 51 -11.01 -25.10 -11.98
N PRO A 52 -11.83 -25.85 -12.76
CA PRO A 52 -11.51 -27.27 -13.04
C PRO A 52 -10.14 -27.56 -13.69
N GLY A 53 -9.60 -26.62 -14.46
CA GLY A 53 -8.30 -26.79 -15.10
C GLY A 53 -7.09 -26.75 -14.17
N THR A 54 -7.06 -25.77 -13.27
CA THR A 54 -5.87 -25.45 -12.47
C THR A 54 -5.54 -26.46 -11.33
N MET A 55 -6.56 -27.05 -10.70
CA MET A 55 -6.38 -27.92 -9.52
C MET A 55 -7.32 -29.13 -9.51
N SER A 56 -7.07 -30.07 -8.59
CA SER A 56 -7.79 -31.35 -8.55
C SER A 56 -8.91 -31.37 -7.51
N PRO A 57 -9.93 -32.25 -7.71
CA PRO A 57 -11.04 -32.37 -6.74
C PRO A 57 -10.67 -32.95 -5.37
N GLU A 58 -10.17 -34.19 -5.33
CA GLU A 58 -9.84 -34.86 -4.05
C GLU A 58 -8.87 -34.08 -3.16
N ALA A 59 -7.99 -33.27 -3.77
CA ALA A 59 -7.07 -32.39 -3.02
C ALA A 59 -7.75 -31.13 -2.49
N PHE A 60 -8.51 -30.46 -3.36
CA PHE A 60 -9.25 -29.24 -2.98
C PHE A 60 -10.39 -29.53 -2.00
N LEU A 61 -10.95 -30.73 -2.06
CA LEU A 61 -12.02 -31.16 -1.14
C LEU A 61 -11.54 -31.68 0.24
N GLN A 62 -10.23 -31.86 0.42
CA GLN A 62 -9.66 -32.12 1.75
C GLN A 62 -9.72 -30.89 2.65
N GLU A 63 -9.86 -29.71 2.06
CA GLU A 63 -10.14 -28.47 2.81
C GLU A 63 -11.47 -28.54 3.55
N ALA A 64 -12.54 -28.88 2.83
CA ALA A 64 -13.86 -29.03 3.44
C ALA A 64 -13.89 -30.14 4.51
N GLN A 65 -13.25 -31.28 4.21
CA GLN A 65 -13.07 -32.38 5.18
C GLN A 65 -12.72 -31.89 6.58
N VAL A 66 -11.75 -30.98 6.63
CA VAL A 66 -11.26 -30.38 7.88
C VAL A 66 -12.34 -29.46 8.49
N MET A 67 -12.91 -28.58 7.66
CA MET A 67 -13.98 -27.66 8.08
C MET A 67 -15.20 -28.38 8.65
N LYS A 68 -15.45 -29.60 8.17
CA LYS A 68 -16.52 -30.44 8.69
C LYS A 68 -16.33 -30.79 10.16
N LYS A 69 -15.12 -31.20 10.53
CA LYS A 69 -14.85 -31.63 11.91
C LYS A 69 -14.48 -30.48 12.88
N LEU A 70 -14.60 -29.21 12.45
CA LEU A 70 -14.38 -28.04 13.31
C LEU A 70 -15.59 -27.10 13.38
N ARG A 71 -16.17 -26.95 14.57
CA ARG A 71 -17.17 -25.94 14.89
C ARG A 71 -16.74 -25.17 16.13
N HIS A 72 -16.70 -23.85 16.02
CA HIS A 72 -16.42 -22.99 17.16
C HIS A 72 -16.87 -21.59 16.77
N GLU A 73 -17.40 -20.82 17.72
CA GLU A 73 -17.96 -19.52 17.37
C GLU A 73 -16.97 -18.56 16.68
N LYS A 74 -15.67 -18.76 16.91
CA LYS A 74 -14.59 -17.97 16.30
C LYS A 74 -13.92 -18.66 15.12
N LEU A 75 -14.56 -19.68 14.56
CA LEU A 75 -14.17 -20.24 13.27
C LEU A 75 -15.33 -20.02 12.32
N VAL A 76 -15.00 -19.86 11.04
CA VAL A 76 -15.99 -19.67 9.99
C VAL A 76 -16.71 -21.00 9.80
N GLN A 77 -18.04 -20.94 9.78
CA GLN A 77 -18.87 -22.14 9.73
C GLN A 77 -19.24 -22.57 8.31
N LEU A 78 -18.68 -23.71 7.90
CA LEU A 78 -19.10 -24.46 6.74
C LEU A 78 -20.56 -24.86 6.89
N TYR A 79 -21.40 -24.36 5.99
CA TYR A 79 -22.80 -24.76 5.90
C TYR A 79 -22.98 -25.99 4.98
N ALA A 80 -22.30 -26.00 3.82
CA ALA A 80 -22.63 -26.96 2.75
C ALA A 80 -21.52 -27.17 1.73
N VAL A 81 -21.63 -28.28 1.00
CA VAL A 81 -20.68 -28.63 -0.06
C VAL A 81 -21.35 -29.13 -1.34
N VAL A 82 -20.60 -29.11 -2.44
CA VAL A 82 -21.03 -29.63 -3.74
C VAL A 82 -19.81 -30.33 -4.36
N SER A 83 -19.83 -31.67 -4.33
CA SER A 83 -18.67 -32.51 -4.69
C SER A 83 -18.30 -32.56 -6.19
N GLU A 84 -19.23 -32.14 -7.06
CA GLU A 84 -19.05 -32.22 -8.52
C GLU A 84 -18.78 -30.84 -9.14
N GLU A 85 -17.92 -30.76 -10.14
CA GLU A 85 -17.49 -29.48 -10.73
C GLU A 85 -18.61 -28.83 -11.56
N PRO A 86 -18.78 -27.50 -11.48
CA PRO A 86 -17.98 -26.61 -10.60
C PRO A 86 -18.28 -26.85 -9.11
N ILE A 87 -17.23 -27.08 -8.34
CA ILE A 87 -17.34 -27.35 -6.89
C ILE A 87 -17.76 -26.07 -6.16
N TYR A 88 -18.44 -26.23 -5.01
CA TYR A 88 -18.83 -25.11 -4.15
C TYR A 88 -18.70 -25.51 -2.69
N ILE A 89 -17.71 -24.96 -1.99
CA ILE A 89 -17.67 -25.01 -0.54
C ILE A 89 -18.41 -23.76 -0.07
N VAL A 90 -19.31 -23.92 0.89
CA VAL A 90 -20.28 -22.88 1.26
C VAL A 90 -20.32 -22.67 2.77
N THR A 91 -19.75 -21.55 3.20
CA THR A 91 -19.69 -21.17 4.60
C THR A 91 -20.72 -20.09 4.86
N GLU A 92 -20.80 -19.63 6.10
CA GLU A 92 -21.55 -18.40 6.43
C GLU A 92 -20.95 -17.19 5.72
N TYR A 93 -21.65 -16.06 5.81
CA TYR A 93 -21.17 -14.79 5.25
C TYR A 93 -20.82 -13.81 6.35
N MET A 94 -19.67 -13.15 6.19
CA MET A 94 -19.19 -12.19 7.17
C MET A 94 -19.28 -10.81 6.56
N SER A 95 -20.01 -9.94 7.25
CA SER A 95 -20.46 -8.68 6.66
C SER A 95 -19.36 -7.67 6.27
N LYS A 96 -18.17 -7.77 6.87
CA LYS A 96 -17.16 -6.73 6.74
C LYS A 96 -15.84 -7.17 6.05
N GLY A 97 -15.84 -8.33 5.39
CA GLY A 97 -14.67 -8.76 4.60
C GLY A 97 -13.44 -9.11 5.43
N SER A 98 -12.27 -9.17 4.80
CA SER A 98 -11.04 -9.56 5.50
C SER A 98 -10.57 -8.50 6.50
N LEU A 99 -9.94 -8.96 7.57
CA LEU A 99 -9.43 -8.09 8.62
C LEU A 99 -8.37 -7.14 8.08
N LEU A 100 -7.52 -7.68 7.22
CA LEU A 100 -6.59 -6.88 6.41
C LEU A 100 -7.30 -5.72 5.75
N ASP A 101 -8.31 -6.01 4.93
CA ASP A 101 -9.14 -4.98 4.28
C ASP A 101 -9.76 -4.01 5.28
N PHE A 102 -10.14 -4.52 6.44
CA PHE A 102 -10.81 -3.72 7.44
C PHE A 102 -9.87 -2.69 8.06
N LEU A 103 -8.67 -3.14 8.44
CA LEU A 103 -7.67 -2.29 9.12
C LEU A 103 -7.14 -1.15 8.22
N LYS A 104 -6.75 -1.52 7.00
CA LYS A 104 -6.28 -0.55 6.00
C LYS A 104 -7.44 0.33 5.56
N GLY A 105 -8.61 -0.28 5.44
CA GLY A 105 -9.84 0.44 5.13
C GLY A 105 -10.14 1.62 6.03
N GLU A 106 -10.93 2.55 5.50
CA GLU A 106 -11.37 3.75 6.22
C GLU A 106 -12.21 3.36 7.44
N MET A 107 -12.78 2.16 7.39
CA MET A 107 -13.53 1.58 8.51
C MET A 107 -12.69 1.49 9.78
N GLY A 108 -11.39 1.27 9.58
CA GLY A 108 -10.40 1.22 10.65
C GLY A 108 -9.33 2.29 10.54
N LYS A 109 -9.75 3.54 10.31
CA LYS A 109 -8.90 4.71 10.53
C LYS A 109 -8.94 5.05 12.03
N TYR A 110 -10.01 4.64 12.70
CA TYR A 110 -10.22 4.95 14.10
C TYR A 110 -10.31 3.74 15.06
N LEU A 111 -9.58 2.65 14.79
CA LEU A 111 -9.54 1.50 15.72
C LEU A 111 -8.43 1.62 16.74
N ARG A 112 -8.74 2.09 17.94
CA ARG A 112 -7.72 2.24 18.98
C ARG A 112 -7.42 0.90 19.62
N LEU A 113 -6.34 0.88 20.40
CA LEU A 113 -5.89 -0.35 21.08
C LEU A 113 -7.03 -1.21 21.68
N PRO A 114 -7.94 -0.62 22.51
CA PRO A 114 -9.06 -1.38 23.08
C PRO A 114 -9.74 -2.34 22.11
N GLN A 115 -10.08 -1.84 20.92
CA GLN A 115 -10.80 -2.61 19.88
C GLN A 115 -9.91 -3.69 19.29
N LEU A 116 -8.65 -3.30 19.05
CA LEU A 116 -7.67 -4.17 18.42
C LEU A 116 -7.32 -5.34 19.33
N VAL A 117 -7.18 -5.08 20.62
CA VAL A 117 -6.79 -6.14 21.55
C VAL A 117 -7.93 -7.13 21.78
N ASP A 118 -9.19 -6.65 21.80
CA ASP A 118 -10.36 -7.54 21.83
C ASP A 118 -10.43 -8.51 20.64
N MET A 119 -10.06 -8.00 19.47
CA MET A 119 -10.06 -8.80 18.25
C MET A 119 -9.06 -9.91 18.44
N ALA A 120 -7.82 -9.53 18.72
CA ALA A 120 -6.77 -10.50 19.03
C ALA A 120 -7.23 -11.55 20.06
N ALA A 121 -8.00 -11.13 21.05
CA ALA A 121 -8.57 -12.08 21.99
C ALA A 121 -9.52 -13.09 21.31
N GLN A 122 -10.40 -12.60 20.44
CA GLN A 122 -11.34 -13.49 19.74
C GLN A 122 -10.66 -14.45 18.77
N ILE A 123 -9.61 -13.97 18.10
CA ILE A 123 -8.83 -14.79 17.19
C ILE A 123 -8.19 -15.86 18.05
N ALA A 124 -7.42 -15.44 19.06
CA ALA A 124 -6.82 -16.33 20.09
C ALA A 124 -7.77 -17.44 20.60
N SER A 125 -8.91 -17.07 21.17
CA SER A 125 -9.90 -18.06 21.60
C SER A 125 -10.08 -19.14 20.54
N GLY A 126 -10.37 -18.70 19.31
CA GLY A 126 -10.60 -19.60 18.18
C GLY A 126 -9.41 -20.47 17.86
N MET A 127 -8.21 -19.88 17.85
CA MET A 127 -7.00 -20.68 17.72
C MET A 127 -6.78 -21.61 18.93
N ALA A 128 -7.12 -21.14 20.13
CA ALA A 128 -7.04 -21.98 21.33
C ALA A 128 -7.93 -23.21 21.20
N TYR A 129 -9.04 -23.05 20.49
CA TYR A 129 -9.85 -24.18 20.08
C TYR A 129 -9.07 -25.12 19.13
N VAL A 130 -8.44 -24.55 18.10
CA VAL A 130 -7.67 -25.37 17.14
C VAL A 130 -6.57 -26.16 17.88
N GLU A 131 -5.92 -25.45 18.80
CA GLU A 131 -5.00 -26.01 19.76
C GLU A 131 -5.65 -27.20 20.45
N ARG A 132 -6.80 -26.98 21.07
CA ARG A 132 -7.52 -28.05 21.78
C ARG A 132 -7.82 -29.25 20.89
N MET A 133 -8.11 -29.01 19.60
CA MET A 133 -8.46 -30.09 18.67
C MET A 133 -7.26 -30.75 17.98
N ASN A 134 -6.04 -30.44 18.42
CA ASN A 134 -4.82 -31.02 17.85
C ASN A 134 -4.71 -30.84 16.33
N TYR A 135 -5.22 -29.71 15.84
CA TYR A 135 -5.14 -29.34 14.42
C TYR A 135 -4.22 -28.14 14.27
N VAL A 136 -3.85 -27.83 13.03
CA VAL A 136 -2.85 -26.80 12.74
C VAL A 136 -3.23 -26.04 11.49
N HIS A 137 -3.10 -24.72 11.56
CA HIS A 137 -3.59 -23.82 10.53
C HIS A 137 -2.61 -23.60 9.39
N ARG A 138 -1.34 -23.39 9.74
CA ARG A 138 -0.25 -23.27 8.77
C ARG A 138 -0.25 -21.96 7.96
N ASP A 139 -1.05 -20.98 8.35
CA ASP A 139 -1.29 -19.80 7.50
C ASP A 139 -2.06 -18.67 8.22
N LEU A 140 -1.68 -18.40 9.45
CA LEU A 140 -2.40 -17.44 10.27
C LEU A 140 -1.82 -16.07 10.03
N ARG A 141 -2.68 -15.17 9.57
CA ARG A 141 -2.32 -13.78 9.30
C ARG A 141 -3.60 -13.00 9.02
N ALA A 142 -3.54 -11.69 9.09
CA ALA A 142 -4.76 -10.90 8.98
C ALA A 142 -5.51 -11.08 7.64
N ALA A 143 -4.83 -11.56 6.61
CA ALA A 143 -5.48 -11.90 5.35
C ALA A 143 -6.51 -13.05 5.45
N ASN A 144 -6.36 -13.93 6.45
CA ASN A 144 -7.31 -15.04 6.71
C ASN A 144 -8.18 -14.88 7.98
N ILE A 145 -8.36 -13.65 8.43
CA ILE A 145 -9.31 -13.37 9.49
C ILE A 145 -10.43 -12.58 8.86
N LEU A 146 -11.66 -12.98 9.16
CA LEU A 146 -12.86 -12.27 8.69
C LEU A 146 -13.43 -11.49 9.87
N VAL A 147 -14.12 -10.40 9.56
CA VAL A 147 -14.84 -9.59 10.55
C VAL A 147 -16.33 -9.55 10.15
N GLY A 148 -17.20 -9.52 11.15
CA GLY A 148 -18.64 -9.35 10.95
C GLY A 148 -19.21 -8.21 11.79
N GLU A 149 -20.45 -8.34 12.21
CA GLU A 149 -21.10 -7.30 12.98
C GLU A 149 -20.50 -7.26 14.37
N ASN A 150 -20.41 -6.05 14.94
CA ASN A 150 -19.90 -5.86 16.29
C ASN A 150 -18.39 -6.19 16.42
N LEU A 151 -17.68 -6.15 15.28
CA LEU A 151 -16.27 -6.55 15.20
C LEU A 151 -15.98 -7.98 15.68
N VAL A 152 -16.88 -8.89 15.33
CA VAL A 152 -16.61 -10.32 15.52
C VAL A 152 -15.49 -10.64 14.56
N CYS A 153 -14.55 -11.47 15.00
CA CYS A 153 -13.50 -11.95 14.13
C CYS A 153 -13.48 -13.44 14.14
N LYS A 154 -13.11 -14.01 13.00
CA LYS A 154 -13.13 -15.45 12.82
C LYS A 154 -11.95 -15.91 11.98
N VAL A 155 -11.59 -17.17 12.12
CA VAL A 155 -10.44 -17.73 11.44
C VAL A 155 -10.89 -18.42 10.15
N ALA A 156 -10.20 -18.12 9.05
CA ALA A 156 -10.48 -18.70 7.73
C ALA A 156 -9.21 -19.34 7.14
N ASP A 157 -9.26 -19.80 5.90
CA ASP A 157 -8.07 -20.31 5.20
C ASP A 157 -8.43 -20.48 3.73
N PHE A 158 -7.77 -19.71 2.86
CA PHE A 158 -8.12 -19.59 1.44
C PHE A 158 -7.15 -20.36 0.53
N GLY A 159 -5.84 -20.16 0.74
CA GLY A 159 -4.81 -20.84 -0.04
C GLY A 159 -3.45 -20.17 0.11
N PRO A 178 5.20 -16.24 0.97
CA PRO A 178 4.55 -16.82 2.15
C PRO A 178 5.24 -16.57 3.51
N ILE A 179 6.50 -16.14 3.52
CA ILE A 179 7.44 -16.43 4.63
C ILE A 179 7.48 -15.43 5.82
N LYS A 180 7.02 -14.20 5.61
CA LYS A 180 7.05 -13.15 6.66
C LYS A 180 6.22 -13.55 7.89
N TRP A 181 5.08 -14.17 7.61
CA TRP A 181 4.14 -14.58 8.66
C TRP A 181 4.34 -15.98 9.24
N THR A 182 5.28 -16.79 8.72
CA THR A 182 5.50 -18.15 9.25
C THR A 182 6.87 -18.35 9.85
N ALA A 183 6.91 -19.22 10.86
CA ALA A 183 8.07 -19.40 11.71
C ALA A 183 9.16 -20.11 10.93
N PRO A 184 10.43 -19.85 11.28
CA PRO A 184 11.55 -20.38 10.49
C PRO A 184 11.47 -21.89 10.27
N GLU A 185 11.39 -22.65 11.36
CA GLU A 185 11.41 -24.10 11.29
C GLU A 185 10.38 -24.64 10.31
N ALA A 186 9.27 -23.94 10.16
CA ALA A 186 8.21 -24.30 9.22
C ALA A 186 8.65 -23.96 7.81
N ALA A 187 8.98 -22.69 7.58
CA ALA A 187 9.45 -22.22 6.28
C ALA A 187 10.56 -23.11 5.75
N LEU A 188 11.46 -23.50 6.64
CA LEU A 188 12.62 -24.31 6.29
C LEU A 188 12.35 -25.82 6.25
N TYR A 189 12.23 -26.44 7.42
CA TYR A 189 12.20 -27.91 7.52
C TYR A 189 10.77 -28.44 7.39
N GLY A 190 9.80 -27.54 7.42
CA GLY A 190 8.41 -27.92 7.33
C GLY A 190 7.84 -28.47 8.61
N ARG A 191 8.41 -28.09 9.75
CA ARG A 191 7.88 -28.51 11.06
CA ARG A 191 7.87 -28.50 11.05
C ARG A 191 6.70 -27.59 11.43
N PHE A 192 5.56 -27.79 10.77
CA PHE A 192 4.37 -26.94 11.00
C PHE A 192 3.59 -27.47 12.18
N THR A 193 3.85 -26.91 13.35
CA THR A 193 3.14 -27.23 14.58
C THR A 193 2.15 -26.11 14.91
N ILE A 194 1.41 -26.29 15.99
CA ILE A 194 0.61 -25.19 16.59
C ILE A 194 1.54 -24.05 17.07
N LYS A 195 2.77 -24.40 17.42
CA LYS A 195 3.80 -23.42 17.79
C LYS A 195 4.28 -22.58 16.59
N SER A 196 4.15 -23.10 15.35
CA SER A 196 4.32 -22.26 14.13
C SER A 196 3.16 -21.28 13.99
N ASP A 197 1.98 -21.70 14.43
CA ASP A 197 0.82 -20.82 14.46
C ASP A 197 0.91 -19.74 15.53
N VAL A 198 1.56 -20.04 16.67
CA VAL A 198 1.79 -19.02 17.71
C VAL A 198 2.72 -17.89 17.24
N TRP A 199 3.82 -18.27 16.60
CA TRP A 199 4.72 -17.33 15.97
C TRP A 199 4.00 -16.34 15.07
N SER A 200 3.28 -16.88 14.09
CA SER A 200 2.56 -16.08 13.11
C SER A 200 1.53 -15.17 13.77
N PHE A 201 0.90 -15.71 14.80
CA PHE A 201 -0.04 -14.95 15.60
C PHE A 201 0.68 -13.76 16.17
N GLY A 202 1.89 -13.97 16.68
CA GLY A 202 2.73 -12.83 17.08
C GLY A 202 2.92 -11.77 15.99
N ILE A 203 3.16 -12.23 14.75
CA ILE A 203 3.28 -11.35 13.59
C ILE A 203 1.94 -10.67 13.33
N LEU A 204 0.84 -11.40 13.47
CA LEU A 204 -0.48 -10.81 13.35
C LEU A 204 -0.73 -9.69 14.38
N LEU A 205 -0.16 -9.81 15.57
CA LEU A 205 -0.19 -8.70 16.53
C LEU A 205 0.41 -7.39 15.95
N THR A 206 1.39 -7.50 15.06
CA THR A 206 1.95 -6.32 14.37
C THR A 206 1.05 -5.72 13.28
N GLU A 207 0.12 -6.50 12.76
CA GLU A 207 -0.82 -6.01 11.75
C GLU A 207 -1.89 -5.22 12.43
N LEU A 208 -2.38 -5.76 13.53
CA LEU A 208 -3.44 -5.08 14.27
C LEU A 208 -3.00 -3.75 14.83
N THR A 209 -1.71 -3.65 15.17
CA THR A 209 -1.17 -2.44 15.75
C THR A 209 -0.65 -1.40 14.73
N THR A 210 -0.53 -1.78 13.45
CA THR A 210 -0.03 -0.87 12.41
C THR A 210 -1.11 -0.41 11.43
N LYS A 211 -2.38 -0.72 11.69
CA LYS A 211 -3.46 -0.52 10.70
C LYS A 211 -3.24 -1.36 9.40
N GLY A 212 -2.65 -2.55 9.56
CA GLY A 212 -2.58 -3.53 8.49
C GLY A 212 -1.53 -3.29 7.45
N ARG A 213 -0.43 -2.67 7.88
CA ARG A 213 0.77 -2.59 7.05
C ARG A 213 1.44 -3.96 6.99
N VAL A 214 2.48 -4.07 6.15
CA VAL A 214 3.24 -5.31 5.99
C VAL A 214 4.38 -5.31 7.01
N PRO A 215 4.73 -6.49 7.57
CA PRO A 215 5.87 -6.61 8.50
C PRO A 215 7.21 -6.63 7.79
N TYR A 216 8.27 -6.24 8.50
CA TYR A 216 9.61 -6.09 7.90
C TYR A 216 9.58 -5.05 6.78
N PRO A 217 9.42 -3.76 7.16
CA PRO A 217 9.41 -2.69 6.18
C PRO A 217 10.76 -2.54 5.45
N GLY A 218 10.70 -2.48 4.12
CA GLY A 218 11.89 -2.39 3.28
C GLY A 218 12.79 -3.62 3.38
N MET A 219 12.16 -4.78 3.58
CA MET A 219 12.85 -6.07 3.67
C MET A 219 12.11 -7.02 2.78
N VAL A 220 12.85 -7.96 2.18
CA VAL A 220 12.29 -8.86 1.19
C VAL A 220 12.65 -10.30 1.54
N ASN A 221 11.78 -11.23 1.13
CA ASN A 221 11.69 -12.56 1.72
C ASN A 221 12.98 -13.28 2.09
N ARG A 222 14.02 -13.15 1.26
CA ARG A 222 15.33 -13.79 1.54
C ARG A 222 16.18 -13.04 2.60
N GLU A 223 15.98 -11.73 2.71
CA GLU A 223 16.66 -10.92 3.73
C GLU A 223 16.01 -11.13 5.11
N VAL A 224 14.74 -11.54 5.08
CA VAL A 224 13.97 -11.82 6.27
C VAL A 224 14.51 -13.05 7.00
N LEU A 225 14.68 -14.15 6.28
CA LEU A 225 15.12 -15.41 6.86
C LEU A 225 16.50 -15.29 7.49
N ASP A 226 17.39 -14.49 6.89
CA ASP A 226 18.69 -14.17 7.51
C ASP A 226 18.48 -13.49 8.86
N GLN A 227 17.92 -12.29 8.82
CA GLN A 227 17.79 -11.44 10.00
C GLN A 227 17.12 -12.19 11.15
N VAL A 228 16.07 -12.93 10.84
CA VAL A 228 15.32 -13.66 11.85
C VAL A 228 16.18 -14.74 12.51
N GLU A 229 16.71 -15.66 11.71
CA GLU A 229 17.64 -16.67 12.24
C GLU A 229 18.88 -16.06 12.88
N ARG A 230 19.31 -14.88 12.43
CA ARG A 230 20.39 -14.15 13.11
C ARG A 230 19.93 -13.60 14.48
N GLY A 231 18.62 -13.48 14.65
CA GLY A 231 18.01 -13.06 15.91
C GLY A 231 17.22 -11.77 15.82
N TYR A 232 17.22 -11.11 14.66
CA TYR A 232 16.43 -9.90 14.48
C TYR A 232 14.93 -10.17 14.59
N ARG A 233 14.29 -9.41 15.48
CA ARG A 233 12.85 -9.34 15.61
C ARG A 233 12.41 -7.87 15.49
N MET A 234 11.11 -7.64 15.34
CA MET A 234 10.62 -6.26 15.18
C MET A 234 10.51 -5.50 16.50
N PRO A 235 10.70 -4.17 16.45
CA PRO A 235 10.63 -3.36 17.66
C PRO A 235 9.19 -3.05 17.98
N CYS A 236 8.93 -2.83 19.26
CA CYS A 236 7.67 -2.28 19.71
C CYS A 236 7.26 -1.13 18.78
N PRO A 237 6.09 -1.24 18.10
CA PRO A 237 5.60 -0.12 17.27
C PRO A 237 5.51 1.26 17.97
N PRO A 238 5.30 2.34 17.18
CA PRO A 238 4.94 3.61 17.76
C PRO A 238 3.78 3.42 18.70
N GLU A 239 3.84 4.09 19.84
CA GLU A 239 2.77 4.11 20.84
C GLU A 239 2.08 2.77 21.18
N CYS A 240 2.67 1.62 20.83
CA CYS A 240 2.12 0.32 21.25
C CYS A 240 2.78 -0.08 22.56
N PRO A 241 2.00 -0.47 23.58
CA PRO A 241 2.59 -0.71 24.90
C PRO A 241 3.55 -1.90 24.91
N GLU A 242 4.70 -1.74 25.54
CA GLU A 242 5.78 -2.74 25.50
C GLU A 242 5.30 -4.14 25.94
N SER A 243 4.33 -4.17 26.87
CA SER A 243 3.62 -5.38 27.22
C SER A 243 3.23 -6.22 26.00
N LEU A 244 2.68 -5.57 24.97
CA LEU A 244 2.40 -6.25 23.69
C LEU A 244 3.62 -6.69 22.86
N HIS A 245 4.68 -5.89 22.87
CA HIS A 245 5.96 -6.27 22.24
C HIS A 245 6.60 -7.50 22.91
N ASP A 246 6.51 -7.58 24.23
CA ASP A 246 7.01 -8.74 24.95
C ASP A 246 6.20 -9.97 24.58
N LEU A 247 4.88 -9.81 24.49
CA LEU A 247 4.00 -10.88 24.09
C LEU A 247 4.41 -11.36 22.72
N MET A 248 4.54 -10.46 21.75
CA MET A 248 5.09 -10.81 20.42
C MET A 248 6.44 -11.56 20.56
N CYS A 249 7.35 -11.08 21.41
CA CYS A 249 8.65 -11.74 21.59
C CYS A 249 8.56 -13.12 22.25
N GLN A 250 7.50 -13.35 23.04
CA GLN A 250 7.16 -14.72 23.46
C GLN A 250 6.68 -15.53 22.26
N CYS A 251 5.80 -14.93 21.46
CA CYS A 251 5.37 -15.56 20.22
C CYS A 251 6.59 -15.93 19.37
N TRP A 252 7.62 -15.08 19.32
CA TRP A 252 8.78 -15.28 18.41
C TRP A 252 10.10 -15.76 19.04
N ARG A 253 10.04 -16.66 20.00
CA ARG A 253 11.26 -17.25 20.53
C ARG A 253 11.64 -18.32 19.53
N LYS A 254 12.93 -18.64 19.41
CA LYS A 254 13.36 -19.67 18.46
C LYS A 254 13.01 -21.05 18.97
N ASP A 255 13.21 -21.31 20.27
CA ASP A 255 12.86 -22.61 20.84
C ASP A 255 11.32 -22.74 20.89
N PRO A 256 10.72 -23.53 19.96
CA PRO A 256 9.26 -23.50 19.78
C PRO A 256 8.43 -23.88 21.02
N GLU A 257 8.83 -24.94 21.73
CA GLU A 257 8.07 -25.42 22.90
C GLU A 257 7.96 -24.36 24.00
N GLU A 258 8.88 -23.38 23.99
CA GLU A 258 8.83 -22.26 24.94
C GLU A 258 8.19 -21.00 24.36
N ARG A 259 7.46 -21.14 23.24
CA ARG A 259 6.45 -20.14 22.86
C ARG A 259 5.18 -20.49 23.64
N PRO A 260 4.35 -19.47 24.01
CA PRO A 260 3.16 -19.72 24.83
C PRO A 260 2.01 -20.40 24.08
N THR A 261 1.01 -20.88 24.82
CA THR A 261 -0.22 -21.48 24.25
C THR A 261 -1.33 -20.47 23.94
N PHE A 262 -2.19 -20.84 22.99
CA PHE A 262 -3.40 -20.07 22.70
C PHE A 262 -4.42 -20.03 23.89
N GLU A 263 -4.33 -21.01 24.78
CA GLU A 263 -5.01 -20.98 26.08
C GLU A 263 -4.53 -19.78 26.95
N TYR A 264 -3.21 -19.66 27.09
CA TYR A 264 -2.57 -18.54 27.79
C TYR A 264 -2.76 -17.19 27.06
N LEU A 265 -2.58 -17.19 25.73
CA LEU A 265 -2.72 -15.95 24.96
C LEU A 265 -4.12 -15.37 25.08
N GLN A 266 -5.12 -16.26 25.00
CA GLN A 266 -6.54 -15.90 25.10
C GLN A 266 -6.80 -15.17 26.42
N ALA A 267 -6.67 -15.89 27.54
CA ALA A 267 -6.70 -15.30 28.89
C ALA A 267 -5.86 -14.00 29.06
N PHE A 268 -4.67 -13.97 28.45
CA PHE A 268 -3.81 -12.79 28.52
C PHE A 268 -4.48 -11.53 27.96
N LEU A 269 -4.79 -11.58 26.67
CA LEU A 269 -5.41 -10.45 25.97
C LEU A 269 -6.85 -10.21 26.40
N GLU A 270 -7.54 -11.25 26.85
CA GLU A 270 -8.82 -11.04 27.48
C GLU A 270 -8.63 -10.05 28.63
N ASP A 271 -7.65 -10.30 29.50
CA ASP A 271 -7.47 -9.45 30.69
C ASP A 271 -6.51 -8.27 30.48
N TYR A 272 -5.98 -8.11 29.28
CA TYR A 272 -4.96 -7.10 29.01
C TYR A 272 -5.07 -5.77 29.78
N PHE A 273 -6.21 -5.10 29.75
CA PHE A 273 -6.30 -3.75 30.34
C PHE A 273 -6.61 -3.69 31.83
N THR A 274 -6.85 -4.83 32.44
CA THR A 274 -7.06 -4.92 33.88
C THR A 274 -5.82 -5.46 34.63
N SER A 275 -5.14 -6.42 34.04
CA SER A 275 -4.09 -7.18 34.71
C SER A 275 -2.66 -6.79 34.29
N THR A 276 -2.50 -6.39 33.02
CA THR A 276 -1.18 -6.18 32.41
C THR A 276 -0.84 -4.69 32.16
N GLU A 277 -1.82 -3.95 31.66
CA GLU A 277 -1.63 -2.55 31.30
C GLU A 277 -2.93 -1.75 31.62
N PRO A 278 -3.24 -1.60 32.92
CA PRO A 278 -4.31 -0.69 33.36
C PRO A 278 -3.98 0.82 33.44
N GLN A 279 -2.70 1.18 33.44
CA GLN A 279 -2.29 2.59 33.33
C GLN A 279 -2.80 3.23 32.01
N TYR A 280 -2.88 2.39 30.96
CA TYR A 280 -3.18 2.78 29.58
C TYR A 280 -4.08 3.99 29.37
N GLN A 281 -3.60 4.96 28.58
CA GLN A 281 -4.43 6.04 28.01
C GLN A 281 -4.24 6.06 26.48
N PRO A 282 -5.30 6.46 25.72
CA PRO A 282 -5.12 6.60 24.27
C PRO A 282 -4.31 7.84 23.86
N GLY A 283 -4.09 7.92 22.55
CA GLY A 283 -3.37 9.04 21.94
C GLY A 283 -3.77 9.15 20.49
N GLU A 284 -2.80 9.53 19.66
CA GLU A 284 -3.07 9.80 18.25
C GLU A 284 -3.61 8.56 17.56
N ASN A 285 -2.84 7.47 17.63
CA ASN A 285 -3.13 6.25 16.87
C ASN A 285 -3.49 4.99 17.62
N LEU A 286 -3.12 4.90 18.90
CA LEU A 286 -3.43 3.70 19.71
C LEU A 286 -3.76 4.02 21.18
N ASP B 11 23.49 35.42 3.65
CA ASP B 11 22.84 34.08 3.43
C ASP B 11 23.90 32.97 3.45
N ALA B 12 23.72 31.95 4.29
CA ALA B 12 24.68 30.86 4.42
C ALA B 12 24.59 29.82 3.28
N TRP B 13 23.49 29.81 2.53
CA TRP B 13 23.40 29.02 1.29
C TRP B 13 24.38 29.52 0.20
N GLU B 14 24.64 30.84 0.17
CA GLU B 14 25.46 31.50 -0.86
C GLU B 14 26.77 30.81 -1.24
N ILE B 15 27.24 31.12 -2.46
CA ILE B 15 28.43 30.49 -3.05
C ILE B 15 29.27 31.50 -3.86
N PRO B 16 30.62 31.34 -3.84
CA PRO B 16 31.47 32.12 -4.73
C PRO B 16 31.39 31.62 -6.18
N ARG B 17 31.25 32.56 -7.11
CA ARG B 17 31.03 32.27 -8.54
C ARG B 17 32.09 31.35 -9.18
N GLU B 18 33.32 31.36 -8.65
CA GLU B 18 34.44 30.53 -9.14
C GLU B 18 34.20 29.01 -9.06
N SER B 19 33.24 28.59 -8.24
CA SER B 19 33.02 27.17 -7.96
C SER B 19 32.14 26.40 -8.96
N LEU B 20 31.51 27.09 -9.94
CA LEU B 20 30.55 26.46 -10.89
C LEU B 20 31.02 26.41 -12.34
N ARG B 21 31.35 25.22 -12.86
CA ARG B 21 31.45 25.00 -14.30
C ARG B 21 30.04 24.62 -14.82
N LEU B 22 29.52 25.43 -15.73
CA LEU B 22 28.30 25.11 -16.47
C LEU B 22 28.70 24.34 -17.73
N GLU B 23 28.89 23.02 -17.59
CA GLU B 23 29.37 22.16 -18.71
C GLU B 23 28.46 22.17 -19.95
N VAL B 24 27.29 21.48 -19.89
CA VAL B 24 26.38 21.30 -21.04
C VAL B 24 25.03 21.97 -20.77
N LYS B 25 24.41 22.45 -21.85
CA LYS B 25 23.08 23.08 -21.80
C LYS B 25 21.97 22.03 -21.95
N LEU B 26 20.79 22.32 -21.40
CA LEU B 26 19.69 21.34 -21.32
C LEU B 26 18.33 21.86 -21.83
N GLY B 27 17.92 23.03 -21.33
CA GLY B 27 16.63 23.61 -21.70
C GLY B 27 16.59 25.11 -21.54
N GLN B 28 15.96 25.79 -22.52
CA GLN B 28 15.84 27.25 -22.56
C GLN B 28 14.48 27.70 -21.96
N GLY B 29 14.03 28.91 -22.29
CA GLY B 29 12.67 29.39 -21.98
C GLY B 29 12.59 30.92 -21.84
N CYS B 30 11.37 31.44 -21.70
CA CYS B 30 11.16 32.86 -21.38
C CYS B 30 11.55 33.21 -19.91
N PHE B 31 11.71 32.20 -19.04
CA PHE B 31 12.20 32.37 -17.66
C PHE B 31 13.73 32.37 -17.49
N GLY B 32 14.47 31.96 -18.52
CA GLY B 32 15.94 31.80 -18.42
C GLY B 32 16.39 30.50 -19.07
N GLU B 33 17.21 29.69 -18.38
CA GLU B 33 17.73 28.42 -18.90
C GLU B 33 18.39 27.55 -17.81
N CYS B 34 18.54 26.23 -18.04
CA CYS B 34 19.17 25.32 -17.04
C CYS B 34 20.25 24.41 -17.64
N TRP B 35 21.28 24.09 -16.83
CA TRP B 35 22.52 23.43 -17.30
C TRP B 35 22.94 22.27 -16.42
N MET B 36 23.57 21.26 -17.03
CA MET B 36 24.31 20.19 -16.32
C MET B 36 25.71 20.74 -16.05
N GLY B 37 26.24 20.47 -14.86
CA GLY B 37 27.50 21.08 -14.46
C GLY B 37 28.20 20.49 -13.26
N THR B 38 29.36 21.08 -12.97
CA THR B 38 30.26 20.62 -11.91
C THR B 38 30.47 21.79 -10.94
N TRP B 39 30.03 21.58 -9.70
CA TRP B 39 30.30 22.52 -8.61
C TRP B 39 31.45 21.98 -7.76
N ASN B 40 32.34 22.86 -7.33
CA ASN B 40 33.38 22.55 -6.36
C ASN B 40 34.39 21.49 -6.86
N GLY B 41 34.55 21.38 -8.18
CA GLY B 41 35.37 20.34 -8.79
C GLY B 41 34.77 18.95 -8.66
N THR B 42 34.65 18.50 -7.41
CA THR B 42 34.13 17.17 -7.07
C THR B 42 32.69 16.86 -7.54
N THR B 43 31.71 17.53 -6.93
CA THR B 43 30.30 17.15 -7.04
C THR B 43 29.55 17.70 -8.27
N ARG B 44 28.93 16.80 -9.05
CA ARG B 44 28.11 17.13 -10.24
C ARG B 44 26.75 17.68 -9.82
N VAL B 45 26.26 18.69 -10.55
CA VAL B 45 25.05 19.43 -10.15
C VAL B 45 24.23 19.94 -11.33
N ALA B 46 22.97 20.29 -11.03
CA ALA B 46 22.07 20.98 -11.95
C ALA B 46 21.94 22.42 -11.51
N ILE B 47 21.84 23.31 -12.52
CA ILE B 47 21.86 24.76 -12.31
C ILE B 47 20.77 25.41 -13.17
N LYS B 48 20.05 26.38 -12.58
CA LYS B 48 19.00 27.13 -13.27
C LYS B 48 19.37 28.61 -13.29
N THR B 49 19.44 29.21 -14.48
CA THR B 49 19.81 30.62 -14.65
C THR B 49 18.58 31.53 -14.78
N LEU B 50 18.85 32.83 -14.84
CA LEU B 50 17.83 33.86 -15.05
C LEU B 50 18.26 34.79 -16.18
N LYS B 51 17.41 34.91 -17.20
CA LYS B 51 17.57 35.93 -18.24
C LYS B 51 17.24 37.30 -17.63
N PRO B 52 18.25 38.20 -17.45
CA PRO B 52 17.99 39.48 -16.75
C PRO B 52 16.89 40.39 -17.33
N GLY B 53 16.65 40.32 -18.63
CA GLY B 53 15.62 41.13 -19.28
C GLY B 53 14.18 40.73 -18.98
N THR B 54 13.89 39.42 -19.03
CA THR B 54 12.52 38.91 -18.99
C THR B 54 11.83 38.98 -17.61
N MET B 55 12.58 38.79 -16.51
CA MET B 55 12.01 38.69 -15.15
C MET B 55 12.83 39.39 -14.07
N SER B 56 12.24 39.50 -12.88
CA SER B 56 12.83 40.23 -11.77
C SER B 56 13.52 39.30 -10.76
N PRO B 57 14.50 39.84 -9.98
CA PRO B 57 15.20 39.04 -8.94
C PRO B 57 14.33 38.58 -7.76
N GLU B 58 13.77 39.52 -6.98
CA GLU B 58 12.99 39.18 -5.77
C GLU B 58 11.81 38.21 -6.04
N ALA B 59 11.25 38.24 -7.26
CA ALA B 59 10.18 37.30 -7.66
C ALA B 59 10.72 35.93 -8.03
N PHE B 60 11.76 35.90 -8.86
CA PHE B 60 12.40 34.65 -9.28
C PHE B 60 13.12 33.93 -8.12
N LEU B 61 13.63 34.69 -7.16
CA LEU B 61 14.30 34.16 -5.97
C LEU B 61 13.37 33.70 -4.83
N GLN B 62 12.06 33.95 -4.95
CA GLN B 62 11.06 33.34 -4.05
C GLN B 62 10.94 31.83 -4.27
N GLU B 63 11.37 31.34 -5.45
CA GLU B 63 11.50 29.91 -5.72
C GLU B 63 12.49 29.23 -4.76
N ALA B 64 13.71 29.76 -4.70
CA ALA B 64 14.73 29.24 -3.80
C ALA B 64 14.31 29.32 -2.33
N GLN B 65 13.73 30.46 -1.94
CA GLN B 65 13.16 30.66 -0.60
C GLN B 65 12.40 29.45 -0.09
N VAL B 66 11.54 28.91 -0.96
CA VAL B 66 10.71 27.74 -0.66
C VAL B 66 11.59 26.48 -0.56
N MET B 67 12.46 26.28 -1.55
CA MET B 67 13.40 25.14 -1.58
C MET B 67 14.31 25.09 -0.36
N LYS B 68 14.60 26.25 0.22
CA LYS B 68 15.37 26.34 1.47
C LYS B 68 14.65 25.67 2.64
N LYS B 69 13.35 25.93 2.80
CA LYS B 69 12.60 25.35 3.93
C LYS B 69 12.03 23.94 3.67
N LEU B 70 12.42 23.29 2.57
CA LEU B 70 12.05 21.88 2.26
C LEU B 70 13.28 20.98 2.06
N ARG B 71 13.46 20.00 2.95
CA ARG B 71 14.40 18.88 2.74
C ARG B 71 13.64 17.59 2.94
N HIS B 72 13.72 16.71 1.94
CA HIS B 72 13.23 15.35 2.06
C HIS B 72 13.89 14.53 0.99
N GLU B 73 14.23 13.28 1.28
CA GLU B 73 14.98 12.47 0.31
C GLU B 73 14.29 12.32 -1.06
N LYS B 74 12.97 12.49 -1.09
CA LYS B 74 12.17 12.42 -2.33
C LYS B 74 11.78 13.78 -2.90
N LEU B 75 12.46 14.84 -2.45
CA LEU B 75 12.38 16.15 -3.06
C LEU B 75 13.78 16.48 -3.57
N VAL B 76 13.82 17.27 -4.65
CA VAL B 76 15.08 17.68 -5.25
C VAL B 76 15.77 18.65 -4.29
N GLN B 77 17.05 18.40 -4.04
CA GLN B 77 17.78 19.15 -3.02
C GLN B 77 18.56 20.34 -3.59
N LEU B 78 18.09 21.53 -3.22
CA LEU B 78 18.83 22.78 -3.37
C LEU B 78 20.14 22.70 -2.60
N TYR B 79 21.25 22.77 -3.34
CA TYR B 79 22.58 22.85 -2.76
C TYR B 79 23.00 24.30 -2.48
N ALA B 80 22.72 25.22 -3.41
CA ALA B 80 23.34 26.55 -3.38
C ALA B 80 22.60 27.60 -4.20
N VAL B 81 22.90 28.86 -3.88
CA VAL B 81 22.34 30.00 -4.60
C VAL B 81 23.40 31.07 -4.93
N VAL B 82 23.05 31.92 -5.89
CA VAL B 82 23.84 33.08 -6.28
C VAL B 82 22.85 34.22 -6.52
N SER B 83 22.78 35.14 -5.56
CA SER B 83 21.72 36.18 -5.53
C SER B 83 21.87 37.32 -6.54
N GLU B 84 23.05 37.46 -7.15
CA GLU B 84 23.35 38.52 -8.12
C GLU B 84 23.40 38.00 -9.56
N GLU B 85 22.91 38.81 -10.51
CA GLU B 85 22.77 38.37 -11.91
C GLU B 85 24.14 38.26 -12.62
N PRO B 86 24.34 37.22 -13.45
CA PRO B 86 23.36 36.16 -13.71
C PRO B 86 23.14 35.26 -12.49
N ILE B 87 21.87 35.10 -12.10
CA ILE B 87 21.49 34.29 -10.93
C ILE B 87 21.69 32.81 -11.24
N TYR B 88 21.95 32.03 -10.19
CA TYR B 88 22.09 30.58 -10.29
C TYR B 88 21.47 29.90 -9.06
N ILE B 89 20.33 29.24 -9.25
CA ILE B 89 19.80 28.32 -8.25
C ILE B 89 20.39 26.97 -8.61
N VAL B 90 20.93 26.28 -7.59
CA VAL B 90 21.76 25.08 -7.81
C VAL B 90 21.32 23.91 -6.95
N THR B 91 20.69 22.93 -7.59
CA THR B 91 20.21 21.74 -6.94
C THR B 91 21.17 20.61 -7.24
N GLU B 92 20.87 19.42 -6.71
CA GLU B 92 21.55 18.19 -7.15
C GLU B 92 21.28 17.90 -8.62
N TYR B 93 21.97 16.90 -9.16
CA TYR B 93 21.77 16.44 -10.52
C TYR B 93 21.19 15.04 -10.52
N MET B 94 20.18 14.84 -11.35
CA MET B 94 19.50 13.56 -11.47
C MET B 94 19.85 12.96 -12.81
N SER B 95 20.43 11.77 -12.77
CA SER B 95 21.09 11.18 -13.94
C SER B 95 20.20 10.87 -15.15
N LYS B 96 18.90 10.70 -14.94
CA LYS B 96 18.02 10.16 -15.99
C LYS B 96 16.92 11.12 -16.48
N GLY B 97 17.01 12.41 -16.14
CA GLY B 97 16.09 13.42 -16.69
C GLY B 97 14.66 13.29 -16.19
N SER B 98 13.70 13.90 -16.90
CA SER B 98 12.30 13.87 -16.44
C SER B 98 11.69 12.47 -16.58
N LEU B 99 10.77 12.16 -15.68
CA LEU B 99 10.10 10.86 -15.65
C LEU B 99 9.30 10.64 -16.93
N LEU B 100 8.65 11.71 -17.39
CA LEU B 100 8.02 11.74 -18.70
C LEU B 100 8.99 11.27 -19.79
N ASP B 101 10.13 11.93 -19.90
CA ASP B 101 11.17 11.54 -20.86
C ASP B 101 11.61 10.08 -20.68
N PHE B 102 11.66 9.65 -19.42
CA PHE B 102 12.15 8.31 -19.10
C PHE B 102 11.18 7.24 -19.57
N LEU B 103 9.88 7.43 -19.30
CA LEU B 103 8.85 6.44 -19.63
C LEU B 103 8.66 6.25 -21.15
N LYS B 104 8.54 7.37 -21.87
CA LYS B 104 8.43 7.37 -23.33
C LYS B 104 9.73 6.87 -23.93
N GLY B 105 10.84 7.29 -23.33
CA GLY B 105 12.17 6.84 -23.73
C GLY B 105 12.33 5.33 -23.79
N GLU B 106 13.30 4.90 -24.61
CA GLU B 106 13.62 3.47 -24.77
C GLU B 106 14.14 2.90 -23.44
N MET B 107 14.62 3.78 -22.56
CA MET B 107 15.01 3.44 -21.19
C MET B 107 13.89 2.75 -20.43
N GLY B 108 12.66 3.17 -20.72
CA GLY B 108 11.45 2.58 -20.17
C GLY B 108 10.51 1.95 -21.19
N LYS B 109 11.09 1.12 -22.07
CA LYS B 109 10.33 0.19 -22.89
C LYS B 109 10.04 -1.06 -22.06
N TYR B 110 10.86 -1.30 -21.04
CA TYR B 110 10.76 -2.49 -20.22
C TYR B 110 10.48 -2.26 -18.71
N LEU B 111 9.73 -1.22 -18.36
CA LEU B 111 9.34 -0.97 -16.96
C LEU B 111 8.00 -1.63 -16.64
N ARG B 112 8.03 -2.81 -16.02
CA ARG B 112 6.78 -3.49 -15.67
C ARG B 112 6.19 -2.88 -14.42
N LEU B 113 4.95 -3.28 -14.13
CA LEU B 113 4.22 -2.78 -12.97
C LEU B 113 5.06 -2.66 -11.68
N PRO B 114 5.77 -3.75 -11.26
CA PRO B 114 6.63 -3.69 -10.06
C PRO B 114 7.45 -2.41 -9.91
N GLN B 115 8.14 -2.02 -10.99
CA GLN B 115 9.02 -0.84 -11.02
C GLN B 115 8.21 0.44 -10.94
N LEU B 116 7.11 0.46 -11.70
CA LEU B 116 6.24 1.63 -11.82
C LEU B 116 5.57 1.92 -10.50
N VAL B 117 5.11 0.89 -9.80
CA VAL B 117 4.40 1.10 -8.54
C VAL B 117 5.33 1.55 -7.42
N ASP B 118 6.58 1.05 -7.41
CA ASP B 118 7.62 1.54 -6.48
C ASP B 118 7.92 3.04 -6.66
N MET B 119 7.92 3.49 -7.90
CA MET B 119 8.16 4.88 -8.23
C MET B 119 7.06 5.69 -7.61
N ALA B 120 5.83 5.37 -7.98
CA ALA B 120 4.65 5.99 -7.40
C ALA B 120 4.71 6.02 -5.87
N ALA B 121 5.23 4.98 -5.25
CA ALA B 121 5.43 4.98 -3.81
C ALA B 121 6.43 6.07 -3.36
N GLN B 122 7.56 6.19 -4.06
CA GLN B 122 8.56 7.19 -3.71
C GLN B 122 8.06 8.62 -3.93
N ILE B 123 7.28 8.83 -4.99
CA ILE B 123 6.70 10.13 -5.28
C ILE B 123 5.76 10.43 -4.12
N ALA B 124 4.80 9.52 -3.90
CA ALA B 124 3.87 9.56 -2.75
C ALA B 124 4.53 9.94 -1.40
N SER B 125 5.51 9.16 -0.95
CA SER B 125 6.27 9.50 0.26
C SER B 125 6.61 10.98 0.27
N GLY B 126 7.25 11.44 -0.80
CA GLY B 126 7.68 12.83 -0.95
C GLY B 126 6.54 13.83 -0.89
N MET B 127 5.44 13.52 -1.59
CA MET B 127 4.24 14.33 -1.47
C MET B 127 3.63 14.24 -0.06
N ALA B 128 3.69 13.05 0.56
CA ALA B 128 3.22 12.90 1.96
C ALA B 128 4.00 13.79 2.89
N TYR B 129 5.27 14.03 2.58
CA TYR B 129 6.05 15.06 3.25
C TYR B 129 5.46 16.45 3.00
N VAL B 130 5.16 16.78 1.75
CA VAL B 130 4.59 18.11 1.41
C VAL B 130 3.28 18.32 2.19
N GLU B 131 2.49 17.25 2.20
CA GLU B 131 1.29 17.14 3.01
C GLU B 131 1.62 17.50 4.46
N ARG B 132 2.59 16.80 5.04
CA ARG B 132 3.01 17.04 6.43
C ARG B 132 3.43 18.49 6.67
N MET B 133 4.05 19.12 5.67
CA MET B 133 4.56 20.49 5.83
C MET B 133 3.54 21.58 5.47
N ASN B 134 2.27 21.21 5.27
CA ASN B 134 1.20 22.16 4.94
C ASN B 134 1.53 23.05 3.74
N TYR B 135 2.24 22.45 2.76
CA TYR B 135 2.57 23.14 1.50
C TYR B 135 1.81 22.44 0.37
N VAL B 136 1.80 23.08 -0.79
CA VAL B 136 0.99 22.64 -1.92
C VAL B 136 1.75 22.86 -3.22
N HIS B 137 1.72 21.86 -4.07
CA HIS B 137 2.54 21.81 -5.27
C HIS B 137 1.91 22.51 -6.46
N ARG B 138 0.62 22.26 -6.67
CA ARG B 138 -0.17 22.94 -7.70
C ARG B 138 0.16 22.50 -9.15
N ASP B 139 0.93 21.43 -9.33
CA ASP B 139 1.50 21.11 -10.64
C ASP B 139 2.18 19.75 -10.70
N LEU B 140 1.54 18.75 -10.12
CA LEU B 140 2.12 17.44 -10.00
C LEU B 140 1.73 16.64 -11.23
N ARG B 141 2.74 16.20 -11.94
CA ARG B 141 2.58 15.41 -13.15
C ARG B 141 3.95 14.89 -13.55
N ALA B 142 4.00 13.88 -14.39
CA ALA B 142 5.28 13.25 -14.70
C ALA B 142 6.33 14.19 -15.31
N ALA B 143 5.89 15.31 -15.89
CA ALA B 143 6.81 16.34 -16.37
C ALA B 143 7.68 16.99 -15.28
N ASN B 144 7.22 16.98 -14.02
CA ASN B 144 7.95 17.51 -12.84
C ASN B 144 8.48 16.45 -11.86
N ILE B 145 8.64 15.21 -12.33
CA ILE B 145 9.29 14.19 -11.53
C ILE B 145 10.62 13.90 -12.21
N LEU B 146 11.68 13.84 -11.42
CA LEU B 146 13.01 13.49 -11.90
C LEU B 146 13.31 12.05 -11.46
N VAL B 147 14.14 11.37 -12.25
CA VAL B 147 14.63 10.03 -11.93
C VAL B 147 16.16 10.06 -11.89
N GLY B 148 16.74 9.26 -11.00
CA GLY B 148 18.19 9.07 -10.92
C GLY B 148 18.60 7.61 -11.00
N GLU B 149 19.71 7.27 -10.35
CA GLU B 149 20.17 5.89 -10.36
C GLU B 149 19.25 5.06 -9.49
N ASN B 150 19.09 3.80 -9.88
CA ASN B 150 18.27 2.84 -9.12
C ASN B 150 16.77 3.20 -9.18
N LEU B 151 16.38 3.98 -10.20
CA LEU B 151 15.01 4.50 -10.34
C LEU B 151 14.51 5.30 -9.13
N VAL B 152 15.40 6.11 -8.56
CA VAL B 152 14.98 7.05 -7.54
C VAL B 152 14.12 8.07 -8.25
N CYS B 153 13.03 8.48 -7.62
CA CYS B 153 12.21 9.55 -8.18
C CYS B 153 12.05 10.65 -7.16
N LYS B 154 11.95 11.87 -7.68
CA LYS B 154 11.90 13.05 -6.84
C LYS B 154 10.95 14.08 -7.42
N VAL B 155 10.46 14.96 -6.57
CA VAL B 155 9.49 15.97 -6.95
C VAL B 155 10.21 17.27 -7.28
N ALA B 156 9.85 17.88 -8.42
CA ALA B 156 10.42 19.15 -8.86
C ALA B 156 9.30 20.15 -9.16
N ASP B 157 9.63 21.34 -9.67
CA ASP B 157 8.63 22.30 -10.16
C ASP B 157 9.36 23.37 -10.98
N PHE B 158 9.05 23.43 -12.27
CA PHE B 158 9.80 24.25 -13.25
C PHE B 158 9.07 25.54 -13.64
N GLY B 159 7.77 25.45 -13.95
CA GLY B 159 6.92 26.61 -14.20
C GLY B 159 7.26 27.39 -15.45
N PRO B 178 -2.73 23.43 -19.31
CA PRO B 178 -2.49 23.05 -17.91
C PRO B 178 -3.48 22.03 -17.29
N ILE B 179 -4.65 21.84 -17.89
CA ILE B 179 -5.87 21.43 -17.14
C ILE B 179 -6.14 19.93 -16.97
N LYS B 180 -5.54 19.09 -17.81
CA LYS B 180 -5.73 17.63 -17.76
C LYS B 180 -5.29 17.02 -16.43
N TRP B 181 -4.17 17.54 -15.94
CA TRP B 181 -3.57 17.07 -14.69
C TRP B 181 -4.03 17.75 -13.40
N THR B 182 -4.87 18.79 -13.47
CA THR B 182 -5.34 19.48 -12.25
C THR B 182 -6.84 19.38 -12.03
N ALA B 183 -7.20 19.35 -10.75
CA ALA B 183 -8.56 19.04 -10.33
C ALA B 183 -9.47 20.21 -10.70
N PRO B 184 -10.75 19.91 -10.94
CA PRO B 184 -11.67 20.94 -11.44
C PRO B 184 -11.68 22.20 -10.57
N GLU B 185 -11.96 22.03 -9.28
CA GLU B 185 -12.11 23.15 -8.36
C GLU B 185 -10.93 24.10 -8.43
N ALA B 186 -9.74 23.55 -8.71
CA ALA B 186 -8.52 24.34 -8.86
C ALA B 186 -8.54 25.07 -10.18
N ALA B 187 -8.69 24.32 -11.27
CA ALA B 187 -8.75 24.91 -12.62
C ALA B 187 -9.77 26.02 -12.68
N LEU B 188 -10.91 25.81 -12.03
CA LEU B 188 -12.01 26.77 -12.05
C LEU B 188 -11.89 27.89 -10.98
N TYR B 189 -12.13 27.55 -9.72
CA TYR B 189 -12.27 28.57 -8.67
C TYR B 189 -10.92 28.88 -8.03
N GLY B 190 -9.90 28.10 -8.39
CA GLY B 190 -8.57 28.30 -7.85
C GLY B 190 -8.39 27.78 -6.44
N ARG B 191 -9.20 26.81 -6.02
CA ARG B 191 -9.05 26.19 -4.71
CA ARG B 191 -8.99 26.23 -4.67
C ARG B 191 -7.92 25.13 -4.76
N PHE B 192 -6.67 25.60 -4.82
CA PHE B 192 -5.51 24.70 -4.90
C PHE B 192 -5.12 24.22 -3.52
N THR B 193 -5.62 23.06 -3.13
CA THR B 193 -5.28 22.41 -1.87
C THR B 193 -4.33 21.25 -2.12
N ILE B 194 -3.91 20.58 -1.05
CA ILE B 194 -3.22 19.28 -1.16
C ILE B 194 -4.14 18.22 -1.81
N LYS B 195 -5.45 18.38 -1.65
CA LYS B 195 -6.44 17.53 -2.32
C LYS B 195 -6.51 17.75 -3.84
N SER B 196 -6.11 18.94 -4.33
CA SER B 196 -5.88 19.15 -5.78
C SER B 196 -4.63 18.39 -6.24
N ASP B 197 -3.65 18.27 -5.34
CA ASP B 197 -2.45 17.48 -5.60
C ASP B 197 -2.73 16.00 -5.60
N VAL B 198 -3.67 15.52 -4.78
CA VAL B 198 -4.07 14.09 -4.79
C VAL B 198 -4.72 13.68 -6.12
N TRP B 199 -5.64 14.50 -6.59
CA TRP B 199 -6.26 14.32 -7.90
C TRP B 199 -5.22 14.11 -9.00
N SER B 200 -4.33 15.08 -9.13
CA SER B 200 -3.31 15.08 -10.17
C SER B 200 -2.40 13.86 -10.05
N PHE B 201 -2.12 13.50 -8.81
CA PHE B 201 -1.35 12.32 -8.51
C PHE B 201 -2.07 11.13 -9.10
N GLY B 202 -3.38 11.08 -8.91
CA GLY B 202 -4.18 10.05 -9.60
C GLY B 202 -3.97 10.01 -11.11
N ILE B 203 -3.93 11.20 -11.73
CA ILE B 203 -3.67 11.32 -13.16
C ILE B 203 -2.24 10.86 -13.47
N LEU B 204 -1.29 11.18 -12.58
CA LEU B 204 0.07 10.69 -12.74
C LEU B 204 0.14 9.15 -12.70
N LEU B 205 -0.72 8.52 -11.93
CA LEU B 205 -0.84 7.06 -11.99
C LEU B 205 -1.12 6.54 -13.42
N THR B 206 -1.85 7.30 -14.22
CA THR B 206 -2.10 6.94 -15.64
C THR B 206 -0.91 7.13 -16.57
N GLU B 207 0.06 7.97 -16.18
CA GLU B 207 1.25 8.18 -16.99
C GLU B 207 2.18 7.03 -16.77
N LEU B 208 2.31 6.63 -15.52
CA LEU B 208 3.21 5.53 -15.18
C LEU B 208 2.77 4.22 -15.80
N THR B 209 1.46 4.06 -15.94
CA THR B 209 0.90 2.83 -16.48
C THR B 209 0.74 2.80 -18.01
N THR B 210 0.93 3.94 -18.69
CA THR B 210 0.79 4.00 -20.15
C THR B 210 2.12 4.19 -20.88
N LYS B 211 3.24 4.12 -20.17
CA LYS B 211 4.56 4.51 -20.71
C LYS B 211 4.60 6.01 -21.12
N GLY B 212 3.89 6.84 -20.38
CA GLY B 212 4.03 8.29 -20.49
C GLY B 212 3.29 8.91 -21.66
N ARG B 213 2.18 8.28 -22.04
CA ARG B 213 1.24 8.89 -22.97
C ARG B 213 0.49 10.02 -22.25
N VAL B 214 -0.32 10.76 -23.01
CA VAL B 214 -1.10 11.87 -22.47
C VAL B 214 -2.47 11.30 -22.04
N PRO B 215 -3.05 11.83 -20.95
CA PRO B 215 -4.41 11.46 -20.52
C PRO B 215 -5.50 12.09 -21.37
N TYR B 216 -6.68 11.46 -21.41
CA TYR B 216 -7.79 11.89 -22.27
C TYR B 216 -7.36 11.83 -23.74
N PRO B 217 -7.20 10.60 -24.27
CA PRO B 217 -6.81 10.45 -25.67
C PRO B 217 -7.87 10.95 -26.65
N GLY B 218 -7.45 11.79 -27.59
CA GLY B 218 -8.35 12.41 -28.57
C GLY B 218 -9.37 13.34 -27.92
N MET B 219 -8.95 14.01 -26.86
CA MET B 219 -9.77 14.97 -26.12
C MET B 219 -8.92 16.19 -25.90
N VAL B 220 -9.56 17.36 -25.89
CA VAL B 220 -8.85 18.64 -25.82
C VAL B 220 -9.44 19.49 -24.71
N ASN B 221 -8.59 20.36 -24.16
CA ASN B 221 -8.81 20.97 -22.84
C ASN B 221 -10.24 21.39 -22.49
N ARG B 222 -10.99 21.94 -23.44
CA ARG B 222 -12.40 22.34 -23.19
C ARG B 222 -13.41 21.16 -23.12
N GLU B 223 -13.10 20.08 -23.84
CA GLU B 223 -13.91 18.86 -23.82
C GLU B 223 -13.66 18.07 -22.53
N VAL B 224 -12.49 18.28 -21.96
CA VAL B 224 -12.07 17.63 -20.73
C VAL B 224 -12.90 18.13 -19.54
N LEU B 225 -12.99 19.45 -19.39
CA LEU B 225 -13.71 20.05 -18.26
C LEU B 225 -15.18 19.68 -18.25
N ASP B 226 -15.79 19.56 -19.44
CA ASP B 226 -17.17 19.02 -19.54
C ASP B 226 -17.24 17.61 -18.97
N GLN B 227 -16.57 16.69 -19.65
CA GLN B 227 -16.68 15.28 -19.35
C GLN B 227 -16.39 14.99 -17.87
N VAL B 228 -15.37 15.65 -17.34
CA VAL B 228 -14.99 15.45 -15.95
C VAL B 228 -16.10 15.90 -14.99
N GLU B 229 -16.49 17.17 -15.08
CA GLU B 229 -17.62 17.66 -14.28
C GLU B 229 -18.92 16.89 -14.54
N ARG B 230 -19.10 16.35 -15.74
CA ARG B 230 -20.23 15.46 -16.04
C ARG B 230 -20.07 14.10 -15.33
N GLY B 231 -18.84 13.77 -14.95
CA GLY B 231 -18.53 12.56 -14.19
C GLY B 231 -17.61 11.59 -14.90
N TYR B 232 -17.26 11.87 -16.16
CA TYR B 232 -16.34 11.01 -16.91
C TYR B 232 -14.95 11.00 -16.27
N ARG B 233 -14.48 9.79 -16.00
CA ARG B 233 -13.11 9.52 -15.60
C ARG B 233 -12.51 8.45 -16.53
N MET B 234 -11.21 8.23 -16.46
CA MET B 234 -10.57 7.29 -17.38
C MET B 234 -10.72 5.83 -16.94
N PRO B 235 -10.76 4.91 -17.93
CA PRO B 235 -10.92 3.49 -17.60
C PRO B 235 -9.62 2.88 -17.21
N CYS B 236 -9.69 1.85 -16.38
CA CYS B 236 -8.55 1.01 -16.09
C CYS B 236 -7.80 0.72 -17.40
N PRO B 237 -6.50 1.11 -17.51
CA PRO B 237 -5.71 0.78 -18.70
C PRO B 237 -5.70 -0.71 -19.12
N PRO B 238 -5.17 -1.00 -20.33
CA PRO B 238 -4.87 -2.38 -20.68
C PRO B 238 -4.04 -3.01 -19.60
N GLU B 239 -4.36 -4.25 -19.26
CA GLU B 239 -3.55 -5.06 -18.33
C GLU B 239 -3.16 -4.36 -16.99
N CYS B 240 -3.73 -3.21 -16.62
CA CYS B 240 -3.42 -2.59 -15.33
C CYS B 240 -4.44 -3.07 -14.30
N PRO B 241 -3.99 -3.55 -13.13
CA PRO B 241 -4.91 -4.20 -12.20
C PRO B 241 -5.94 -3.22 -11.64
N GLU B 242 -7.21 -3.63 -11.60
CA GLU B 242 -8.33 -2.73 -11.25
C GLU B 242 -8.12 -2.05 -9.89
N SER B 243 -7.44 -2.74 -8.97
CA SER B 243 -6.97 -2.16 -7.72
C SER B 243 -6.35 -0.78 -7.92
N LEU B 244 -5.50 -0.63 -8.93
CA LEU B 244 -4.96 0.70 -9.29
C LEU B 244 -5.95 1.70 -9.89
N HIS B 245 -6.89 1.22 -10.69
CA HIS B 245 -7.98 2.07 -11.22
C HIS B 245 -8.89 2.60 -10.10
N ASP B 246 -9.16 1.76 -9.09
CA ASP B 246 -9.95 2.20 -7.94
C ASP B 246 -9.17 3.28 -7.18
N LEU B 247 -7.88 3.06 -7.01
CA LEU B 247 -7.03 4.04 -6.35
C LEU B 247 -7.10 5.36 -7.08
N MET B 248 -6.87 5.34 -8.40
CA MET B 248 -7.10 6.54 -9.23
C MET B 248 -8.52 7.16 -8.99
N CYS B 249 -9.56 6.33 -8.95
CA CYS B 249 -10.93 6.83 -8.72
C CYS B 249 -11.14 7.39 -7.32
N GLN B 250 -10.36 6.94 -6.33
CA GLN B 250 -10.29 7.63 -5.04
C GLN B 250 -9.59 8.98 -5.22
N CYS B 251 -8.49 8.97 -5.95
CA CYS B 251 -7.81 10.22 -6.28
C CYS B 251 -8.80 11.19 -6.94
N TRP B 252 -9.68 10.70 -7.81
CA TRP B 252 -10.58 11.58 -8.61
C TRP B 252 -12.05 11.65 -8.20
N ARG B 253 -12.35 11.67 -6.92
CA ARG B 253 -13.72 11.87 -6.46
C ARG B 253 -13.92 13.38 -6.55
N LYS B 254 -15.16 13.84 -6.75
CA LYS B 254 -15.42 15.29 -6.82
C LYS B 254 -15.35 15.91 -5.45
N ASP B 255 -15.91 15.26 -4.43
CA ASP B 255 -15.87 15.82 -3.08
C ASP B 255 -14.42 15.72 -2.54
N PRO B 256 -13.68 16.86 -2.51
CA PRO B 256 -12.23 16.79 -2.30
C PRO B 256 -11.79 16.17 -0.97
N GLU B 257 -12.45 16.52 0.15
CA GLU B 257 -12.02 15.99 1.46
C GLU B 257 -12.14 14.48 1.56
N GLU B 258 -12.92 13.86 0.68
CA GLU B 258 -13.03 12.40 0.62
C GLU B 258 -12.15 11.78 -0.47
N ARG B 259 -11.18 12.54 -0.99
CA ARG B 259 -10.01 11.96 -1.68
C ARG B 259 -9.00 11.56 -0.57
N PRO B 260 -8.21 10.51 -0.77
CA PRO B 260 -7.30 10.01 0.28
C PRO B 260 -6.07 10.90 0.52
N THR B 261 -5.35 10.65 1.61
CA THR B 261 -4.07 11.35 1.92
C THR B 261 -2.82 10.67 1.31
N PHE B 262 -1.78 11.48 1.13
CA PHE B 262 -0.46 10.97 0.72
C PHE B 262 0.20 10.05 1.79
N GLU B 263 -0.21 10.19 3.05
CA GLU B 263 0.11 9.22 4.12
C GLU B 263 -0.48 7.81 3.78
N TYR B 264 -1.77 7.78 3.44
CA TYR B 264 -2.44 6.55 3.02
C TYR B 264 -1.93 6.02 1.66
N LEU B 265 -1.77 6.91 0.69
CA LEU B 265 -1.30 6.51 -0.65
C LEU B 265 0.07 5.84 -0.58
N GLN B 266 0.96 6.44 0.21
CA GLN B 266 2.32 5.96 0.42
C GLN B 266 2.31 4.51 0.91
N ALA B 267 1.82 4.31 2.14
CA ALA B 267 1.56 2.97 2.71
C ALA B 267 0.84 2.00 1.74
N PHE B 268 -0.13 2.51 0.98
CA PHE B 268 -0.88 1.67 0.04
C PHE B 268 0.04 1.04 -1.03
N LEU B 269 0.67 1.90 -1.82
CA LEU B 269 1.54 1.47 -2.89
C LEU B 269 2.83 0.85 -2.40
N GLU B 270 3.28 1.23 -1.22
CA GLU B 270 4.37 0.52 -0.60
C GLU B 270 3.98 -0.94 -0.50
N ASP B 271 2.81 -1.24 0.04
CA ASP B 271 2.40 -2.64 0.26
C ASP B 271 1.64 -3.27 -0.92
N TYR B 272 1.44 -2.51 -2.00
CA TYR B 272 0.63 -2.98 -3.11
C TYR B 272 0.69 -4.48 -3.44
N PHE B 273 1.86 -5.07 -3.62
CA PHE B 273 1.94 -6.48 -4.08
C PHE B 273 1.87 -7.54 -2.99
N THR B 274 1.80 -7.14 -1.74
CA THR B 274 1.62 -8.07 -0.62
C THR B 274 0.18 -8.05 -0.07
N SER B 275 -0.42 -6.88 -0.03
CA SER B 275 -1.67 -6.65 0.69
C SER B 275 -2.88 -6.50 -0.23
N THR B 276 -2.69 -5.92 -1.42
CA THR B 276 -3.77 -5.55 -2.34
C THR B 276 -3.88 -6.46 -3.58
N GLU B 277 -2.74 -6.77 -4.18
CA GLU B 277 -2.67 -7.55 -5.40
C GLU B 277 -1.44 -8.47 -5.37
N PRO B 278 -1.44 -9.48 -4.48
CA PRO B 278 -0.43 -10.56 -4.49
C PRO B 278 -0.64 -11.69 -5.54
N GLN B 279 -1.84 -11.84 -6.08
CA GLN B 279 -2.08 -12.76 -7.19
C GLN B 279 -1.22 -12.40 -8.42
N TYR B 280 -0.96 -11.10 -8.59
CA TYR B 280 -0.28 -10.49 -9.75
C TYR B 280 0.78 -11.34 -10.44
N GLN B 281 0.63 -11.50 -11.76
CA GLN B 281 1.70 -12.00 -12.64
C GLN B 281 1.94 -11.00 -13.78
N PRO B 282 3.21 -10.89 -14.28
CA PRO B 282 3.45 -10.03 -15.45
C PRO B 282 2.93 -10.59 -16.77
N GLY B 283 3.08 -9.77 -17.80
CA GLY B 283 2.62 -10.07 -19.15
C GLY B 283 3.36 -9.19 -20.13
N GLU B 284 2.70 -8.88 -21.24
CA GLU B 284 3.35 -8.17 -22.34
C GLU B 284 3.89 -6.84 -21.90
N ASN B 285 3.01 -6.00 -21.35
CA ASN B 285 3.35 -4.62 -21.01
C ASN B 285 3.38 -4.23 -19.55
N LEU B 286 2.68 -4.97 -18.67
CA LEU B 286 2.64 -4.65 -17.24
C LEU B 286 2.62 -5.90 -16.34
C7 72F C . -15.14 -15.65 1.83
C10 72F C . -14.43 -19.57 2.48
C6 72F C . -15.96 -14.82 2.63
C4 72F C . -17.33 -12.69 3.57
C5 72F C . -16.91 -14.91 3.67
C9 72F C . -14.77 -18.20 2.27
C1 72F C . -12.82 -12.12 0.90
N1 72F C . -16.44 -12.42 2.61
C2 72F C . -14.26 -12.35 0.46
O1 72F C . -12.67 -20.87 6.40
N2 72F C . -17.59 -13.86 4.13
C3 72F C . -15.79 -13.51 2.16
C11 72F C . -13.38 -19.91 3.34
C13 72F C . -12.00 -21.64 5.70
C12 72F C . -12.99 -21.24 3.46
N3 72F C . -11.93 -21.54 4.35
C8 72F C . -14.97 -17.04 2.08
N5 72F C . -12.50 -18.49 0.35
C30 72F C . -12.45 -17.37 0.24
C27 72F C . -12.36 -15.91 0.05
C28 72F C . -11.34 -15.67 -1.07
O2 72F C . -11.31 -16.41 -2.05
N4 72F C . -10.51 -14.65 -0.90
C29 72F C . -9.71 -14.11 -1.99
C26 72F C . -13.75 -15.34 -0.33
C25 72F C . -14.53 -14.85 0.89
N 72F C . -14.87 -13.52 1.11
O 72F C . -12.61 -10.71 1.07
C 72F C . -12.27 -9.99 -0.11
C23 72F C . -15.12 -20.54 1.75
C24 72F C . -16.33 -20.20 0.92
C22 72F C . -14.69 -21.87 1.89
C21 72F C . -13.65 -22.21 2.72
C14 72F C . -11.17 -22.71 6.32
C20 72F C . -10.63 -23.77 5.58
C19 72F C . -9.81 -24.70 6.19
C18 72F C . -9.53 -24.60 7.53
C16 72F C . -10.07 -23.57 8.29
C15 72F C . -10.89 -22.64 7.69
C17 72F C . -9.82 -23.49 9.76
F 72F C . -9.12 -22.40 10.08
F1 72F C . -9.14 -24.52 10.25
F2 72F C . -10.95 -23.40 10.47
C7 72F D . 16.83 20.21 -14.15
C10 72F D . 15.96 22.79 -11.17
C6 72F D . 17.42 18.96 -13.80
C4 72F D . 18.72 16.60 -13.99
C5 72F D . 18.00 18.31 -12.69
C9 72F D . 16.18 21.87 -12.23
C1 72F D . 16.08 17.26 -17.50
N1 72F D . 18.19 17.06 -15.14
C2 72F D . 16.86 18.56 -17.45
O1 72F D . 12.28 21.87 -9.07
N2 72F D . 18.65 17.15 -12.77
C3 72F D . 17.58 18.25 -15.00
C11 72F D . 14.80 22.74 -10.38
C13 72F D . 12.47 22.85 -8.35
C12 72F D . 14.65 23.63 -9.32
N3 72F D . 13.60 23.59 -8.36
C8 72F D . 16.44 21.12 -13.13
N5 72F D . 13.51 19.66 -16.73
C30 72F D . 14.17 20.60 -16.74
C27 72F D . 15.04 21.79 -16.79
C28 72F D . 14.44 22.96 -16.00
O2 72F D . 13.32 23.38 -16.29
N4 72F D . 15.19 23.48 -15.03
C29 72F D . 14.76 24.60 -14.22
C26 72F D . 16.51 21.50 -16.39
C25 72F D . 16.71 20.24 -15.51
N 72F D . 17.09 19.01 -16.05
O 72F D . 15.51 17.11 -18.81
C 72F D . 15.83 15.91 -19.55
C23 72F D . 16.97 23.74 -10.91
C24 72F D . 18.28 23.70 -11.65
C22 72F D . 16.76 24.65 -9.87
C21 72F D . 15.62 24.60 -9.08
C14 72F D . 11.43 23.27 -7.36
C20 72F D . 10.90 24.55 -7.35
C19 72F D . 9.91 24.90 -6.45
C18 72F D . 9.43 23.96 -5.55
C16 72F D . 9.94 22.67 -5.54
C15 72F D . 10.96 22.33 -6.44
C17 72F D . 9.39 21.63 -4.64
F 72F D . 9.06 20.51 -5.29
F1 72F D . 8.28 22.01 -4.01
F2 72F D . 10.25 21.27 -3.67
#